data_1DQU
#
_entry.id   1DQU
#
_cell.length_a   91.930
_cell.length_b   91.930
_cell.length_c   152.770
_cell.angle_alpha   90.00
_cell.angle_beta   90.00
_cell.angle_gamma   90.00
#
_symmetry.space_group_name_H-M   'P 42 21 2'
#
_entity_poly.entity_id   1
_entity_poly.type   'polypeptide(L)'
_entity_poly.pdbx_seq_one_letter_code
;MSYIEEEDQRYWDEVAAVKNWWKDSRWRYTKRPFTAEQIVAKRGNLKIEYPSNVQAKKLWGILERNFKNKEASFTYGCLD
PTMVTQMAKYLDTVYVSGWQSSSTASSTDEPSPDLADYPMNTVPNKVNHLWMAQLFHDRKQREERMTTPKDQRHKVANVD
YLRPIIADADTGHGGLTAVMKLTKLFVERGAAGIHIEDQAPGTKKCGHMAGKVLVPISEHINRLVAIRAQADIMGTDLLA
IARTDSEAATLITSTIDHRDHPFIIGSTNPDIQPLNDLMVMAEQAGKNGAELQAIEDEWLAKAGLKLFNDAVVDAINNSP
LPNKKAAIEKYLTQSKGKSNLEARAIAKEIAGTDIYFDWEAPRTREGYYRYQGGTQCAINRAVAYAPFADLIWMESKLPD
YKQAKEFADGVHAVWPEQKLAYNLSPSFNWKKAMPRDEQETYIKRLGALGYAWQFITLAGLHTTALISDTFAKAYAKQGM
RAYGELVQEPEMANGVDVVTHQKWSGANYVDNMLKMITGGVSSTAAMGKGVTEDQFKS
;
_entity_poly.pdbx_strand_id   A
#
# COMPACT_ATOMS: atom_id res chain seq x y z
N SER A 2 47.93 -3.54 -13.01
CA SER A 2 47.13 -4.12 -14.10
C SER A 2 45.70 -4.27 -13.61
N TYR A 3 45.57 -4.58 -12.33
CA TYR A 3 44.26 -4.76 -11.73
C TYR A 3 43.38 -3.57 -12.09
N ILE A 4 44.00 -2.39 -12.04
CA ILE A 4 43.27 -1.17 -12.31
C ILE A 4 42.53 -1.23 -13.61
N GLU A 5 43.27 -1.54 -14.67
CA GLU A 5 42.68 -1.61 -16.01
C GLU A 5 41.70 -2.80 -16.02
N GLU A 6 42.05 -3.83 -15.26
CA GLU A 6 41.21 -5.01 -15.13
C GLU A 6 39.93 -4.49 -14.42
N GLU A 7 40.14 -3.96 -13.21
CA GLU A 7 39.09 -3.41 -12.35
C GLU A 7 38.05 -2.49 -12.99
N ASP A 8 38.52 -1.49 -13.72
CA ASP A 8 37.65 -0.52 -14.38
C ASP A 8 36.77 -1.12 -15.48
N GLN A 9 37.38 -1.82 -16.41
CA GLN A 9 36.60 -2.42 -17.46
C GLN A 9 35.39 -3.06 -16.80
N ARG A 10 35.64 -3.87 -15.77
CA ARG A 10 34.58 -4.61 -15.05
C ARG A 10 33.41 -3.75 -14.68
N TYR A 11 33.73 -2.62 -14.05
CA TYR A 11 32.75 -1.61 -13.65
C TYR A 11 31.91 -1.25 -14.88
N TRP A 12 32.64 -0.84 -15.93
CA TRP A 12 32.09 -0.43 -17.22
C TRP A 12 31.28 -1.45 -17.97
N ASP A 13 31.53 -2.72 -17.72
CA ASP A 13 30.75 -3.72 -18.42
C ASP A 13 29.50 -4.04 -17.57
N GLU A 14 29.67 -3.87 -16.26
CA GLU A 14 28.62 -4.07 -15.27
C GLU A 14 27.60 -2.99 -15.51
N VAL A 15 28.09 -1.82 -15.93
CA VAL A 15 27.22 -0.69 -16.22
C VAL A 15 26.39 -1.04 -17.46
N ALA A 16 27.08 -1.29 -18.56
CA ALA A 16 26.38 -1.58 -19.79
C ALA A 16 25.39 -2.71 -19.61
N ALA A 17 25.41 -3.38 -18.46
CA ALA A 17 24.48 -4.47 -18.25
C ALA A 17 23.27 -4.01 -17.48
N VAL A 18 23.47 -3.03 -16.61
CA VAL A 18 22.35 -2.50 -15.88
C VAL A 18 21.43 -1.85 -16.91
N LYS A 19 22.01 -0.89 -17.65
CA LYS A 19 21.31 -0.16 -18.69
C LYS A 19 20.57 -1.06 -19.66
N ASN A 20 21.25 -2.05 -20.21
CA ASN A 20 20.58 -2.93 -21.16
C ASN A 20 19.35 -3.53 -20.54
N TRP A 21 19.47 -3.83 -19.26
CA TRP A 21 18.38 -4.39 -18.47
C TRP A 21 17.28 -3.34 -18.42
N TRP A 22 17.71 -2.12 -18.14
CA TRP A 22 16.78 -1.02 -18.03
C TRP A 22 15.97 -0.87 -19.27
N LYS A 23 16.39 -1.56 -20.33
CA LYS A 23 15.65 -1.51 -21.59
C LYS A 23 14.38 -2.34 -21.56
N ASP A 24 14.28 -3.27 -20.61
CA ASP A 24 13.14 -4.20 -20.51
C ASP A 24 11.72 -3.66 -20.62
N SER A 25 10.82 -4.50 -21.13
CA SER A 25 9.44 -4.10 -21.30
C SER A 25 8.87 -3.79 -19.94
N ARG A 26 9.57 -4.24 -18.92
CA ARG A 26 9.17 -4.03 -17.55
C ARG A 26 9.25 -2.56 -17.22
N TRP A 27 10.33 -1.96 -17.67
CA TRP A 27 10.61 -0.57 -17.40
C TRP A 27 9.96 0.48 -18.31
N ARG A 28 9.16 0.04 -19.30
CA ARG A 28 8.52 0.99 -20.23
C ARG A 28 7.80 2.17 -19.59
N TYR A 29 7.40 2.04 -18.32
CA TYR A 29 6.69 3.11 -17.63
C TYR A 29 7.46 3.63 -16.41
N THR A 30 8.67 3.15 -16.19
CA THR A 30 9.42 3.58 -15.01
C THR A 30 10.43 4.68 -15.31
N LYS A 31 10.45 5.73 -14.50
CA LYS A 31 11.35 6.84 -14.70
C LYS A 31 12.49 6.88 -13.66
N ARG A 32 13.70 6.64 -14.12
CA ARG A 32 14.85 6.60 -13.21
C ARG A 32 15.63 7.90 -13.19
N PRO A 33 15.56 8.61 -12.06
CA PRO A 33 16.26 9.87 -11.87
C PRO A 33 17.71 9.69 -11.45
N PHE A 34 18.32 8.57 -11.81
CA PHE A 34 19.73 8.33 -11.45
C PHE A 34 20.31 7.50 -12.57
N THR A 35 21.60 7.16 -12.48
CA THR A 35 22.25 6.37 -13.52
C THR A 35 22.84 5.02 -13.16
N ALA A 36 22.88 4.17 -14.18
CA ALA A 36 23.47 2.87 -14.02
C ALA A 36 24.82 3.21 -13.40
N GLU A 37 25.56 4.09 -14.04
CA GLU A 37 26.84 4.49 -13.49
C GLU A 37 26.84 4.63 -11.97
N GLN A 38 25.79 5.23 -11.39
CA GLN A 38 25.75 5.41 -9.95
C GLN A 38 25.22 4.18 -9.23
N ILE A 39 24.27 3.50 -9.84
CA ILE A 39 23.76 2.32 -9.22
C ILE A 39 24.92 1.37 -9.09
N VAL A 40 25.50 1.04 -10.23
CA VAL A 40 26.61 0.12 -10.30
C VAL A 40 27.80 0.46 -9.42
N ALA A 41 27.80 1.66 -8.83
CA ALA A 41 28.91 2.08 -7.96
C ALA A 41 28.65 1.75 -6.51
N LYS A 42 27.38 1.49 -6.21
CA LYS A 42 27.01 1.18 -4.85
C LYS A 42 27.09 -0.32 -4.68
N ARG A 43 27.42 -1.01 -5.77
CA ARG A 43 27.54 -2.47 -5.75
C ARG A 43 28.96 -2.96 -5.38
N GLY A 44 28.96 -4.13 -4.74
CA GLY A 44 30.16 -4.80 -4.27
C GLY A 44 30.74 -5.73 -5.31
N ASN A 45 31.73 -6.51 -4.92
CA ASN A 45 32.37 -7.37 -5.88
C ASN A 45 31.76 -8.74 -6.01
N LEU A 46 30.75 -9.04 -5.21
CA LEU A 46 30.12 -10.33 -5.26
C LEU A 46 28.68 -10.19 -5.61
N LYS A 47 28.28 -10.65 -6.77
CA LYS A 47 26.87 -10.54 -7.16
C LYS A 47 25.99 -11.60 -6.59
N ILE A 48 25.04 -11.18 -5.78
CA ILE A 48 24.07 -12.09 -5.20
C ILE A 48 22.78 -12.03 -6.01
N GLU A 49 22.29 -13.19 -6.41
CA GLU A 49 21.04 -13.27 -7.16
C GLU A 49 19.95 -13.70 -6.18
N TYR A 50 18.98 -12.81 -5.98
CA TYR A 50 17.88 -13.05 -5.08
C TYR A 50 16.75 -13.80 -5.81
N PRO A 51 16.21 -14.86 -5.21
CA PRO A 51 15.19 -15.69 -5.86
C PRO A 51 13.80 -15.11 -5.86
N SER A 52 13.62 -14.03 -5.11
CA SER A 52 12.34 -13.37 -5.08
C SER A 52 12.20 -12.74 -6.47
N ASN A 53 13.32 -12.31 -7.05
CA ASN A 53 13.27 -11.71 -8.38
C ASN A 53 12.41 -12.53 -9.32
N VAL A 54 12.59 -13.83 -9.23
CA VAL A 54 11.89 -14.80 -10.04
C VAL A 54 10.39 -14.68 -9.81
N GLN A 55 10.03 -14.45 -8.55
CA GLN A 55 8.66 -14.29 -8.17
C GLN A 55 8.16 -13.00 -8.80
N ALA A 56 8.91 -11.92 -8.61
CA ALA A 56 8.51 -10.65 -9.21
C ALA A 56 8.25 -10.78 -10.71
N LYS A 57 9.06 -11.53 -11.42
CA LYS A 57 8.83 -11.69 -12.85
C LYS A 57 7.49 -12.39 -13.07
N LYS A 58 7.01 -13.13 -12.08
CA LYS A 58 5.73 -13.81 -12.24
C LYS A 58 4.63 -12.77 -12.18
N LEU A 59 4.66 -11.97 -11.13
CA LEU A 59 3.69 -10.90 -10.92
C LEU A 59 3.60 -10.09 -12.19
N TRP A 60 4.71 -9.43 -12.53
CA TRP A 60 4.74 -8.58 -13.69
C TRP A 60 3.92 -9.30 -14.70
N GLY A 61 4.31 -10.54 -14.95
CA GLY A 61 3.62 -11.36 -15.91
C GLY A 61 2.12 -11.42 -15.71
N ILE A 62 1.69 -11.88 -14.54
CA ILE A 62 0.27 -11.98 -14.27
C ILE A 62 -0.44 -10.62 -14.19
N LEU A 63 0.23 -9.60 -13.66
CA LEU A 63 -0.43 -8.30 -13.60
C LEU A 63 -0.62 -7.66 -15.00
N GLU A 64 0.30 -7.91 -15.91
CA GLU A 64 0.18 -7.32 -17.22
C GLU A 64 -0.80 -8.01 -18.19
N ARG A 65 -1.32 -9.18 -17.82
CA ARG A 65 -2.27 -9.90 -18.68
C ARG A 65 -3.63 -9.39 -18.30
N ASN A 66 -3.83 -9.22 -16.99
CA ASN A 66 -5.06 -8.72 -16.41
C ASN A 66 -5.45 -7.38 -17.05
N PHE A 67 -4.53 -6.42 -16.99
CA PHE A 67 -4.77 -5.08 -17.53
C PHE A 67 -5.27 -5.14 -18.94
N LYS A 68 -4.47 -5.81 -19.76
CA LYS A 68 -4.80 -6.01 -21.15
C LYS A 68 -6.14 -6.75 -21.23
N ASN A 69 -6.36 -7.76 -20.39
CA ASN A 69 -7.62 -8.47 -20.48
C ASN A 69 -8.65 -7.77 -19.65
N LYS A 70 -8.20 -6.79 -18.90
CA LYS A 70 -9.13 -6.09 -18.07
C LYS A 70 -9.84 -7.09 -17.16
N GLU A 71 -9.01 -7.77 -16.37
CA GLU A 71 -9.52 -8.69 -15.39
C GLU A 71 -8.68 -8.42 -14.18
N ALA A 72 -9.02 -9.09 -13.07
CA ALA A 72 -8.31 -8.91 -11.83
C ALA A 72 -8.02 -10.28 -11.22
N SER A 73 -7.17 -10.24 -10.19
CA SER A 73 -6.75 -11.39 -9.42
C SER A 73 -6.92 -10.81 -8.05
N PHE A 74 -7.43 -11.59 -7.11
CA PHE A 74 -7.62 -11.14 -5.75
C PHE A 74 -6.90 -12.11 -4.81
N THR A 75 -6.96 -11.76 -3.54
CA THR A 75 -6.36 -12.56 -2.47
C THR A 75 -6.89 -11.97 -1.18
N TYR A 76 -6.13 -12.19 -0.12
CA TYR A 76 -6.49 -11.67 1.17
C TYR A 76 -5.31 -11.89 2.03
N GLY A 77 -5.33 -11.32 3.23
CA GLY A 77 -4.17 -11.42 4.12
C GLY A 77 -3.94 -12.82 4.69
N CYS A 78 -2.84 -13.44 4.30
CA CYS A 78 -2.48 -14.76 4.83
C CYS A 78 -1.77 -14.57 6.17
N LEU A 79 -2.22 -15.32 7.16
CA LEU A 79 -1.71 -15.26 8.53
C LEU A 79 -0.63 -16.27 8.85
N ASP A 80 -0.60 -17.38 8.12
CA ASP A 80 0.30 -18.43 8.51
C ASP A 80 0.57 -19.41 7.39
N PRO A 81 1.52 -20.31 7.61
CA PRO A 81 1.84 -21.31 6.61
C PRO A 81 0.69 -22.31 6.33
N THR A 82 0.01 -22.78 7.36
CA THR A 82 -1.09 -23.70 7.12
C THR A 82 -1.95 -22.94 6.12
N MET A 83 -2.14 -21.66 6.35
CA MET A 83 -2.96 -20.87 5.46
C MET A 83 -2.41 -20.71 4.04
N VAL A 84 -1.22 -20.18 3.93
CA VAL A 84 -0.65 -19.98 2.60
C VAL A 84 -0.85 -21.26 1.77
N THR A 85 -1.08 -22.35 2.47
CA THR A 85 -1.21 -23.66 1.85
C THR A 85 -2.51 -23.94 1.10
N GLN A 86 -3.66 -23.69 1.71
CA GLN A 86 -4.91 -23.98 1.02
C GLN A 86 -5.16 -22.92 -0.04
N MET A 87 -4.79 -21.69 0.30
CA MET A 87 -4.98 -20.53 -0.59
C MET A 87 -4.46 -20.79 -1.97
N ALA A 88 -3.32 -21.45 -2.04
CA ALA A 88 -2.67 -21.73 -3.31
C ALA A 88 -3.45 -22.56 -4.30
N LYS A 89 -4.29 -23.44 -3.78
CA LYS A 89 -5.08 -24.33 -4.61
C LYS A 89 -5.95 -23.47 -5.54
N TYR A 90 -6.42 -22.37 -4.97
CA TYR A 90 -7.33 -21.46 -5.64
C TYR A 90 -6.86 -20.05 -6.06
N LEU A 91 -6.22 -19.29 -5.16
CA LEU A 91 -5.79 -17.91 -5.51
C LEU A 91 -4.39 -17.84 -6.09
N ASP A 92 -4.09 -16.81 -6.89
CA ASP A 92 -2.77 -16.69 -7.51
C ASP A 92 -1.73 -15.69 -6.96
N THR A 93 -2.03 -15.08 -5.81
CA THR A 93 -1.10 -14.17 -5.16
C THR A 93 -1.33 -14.37 -3.67
N VAL A 94 -0.48 -13.79 -2.86
CA VAL A 94 -0.65 -13.93 -1.45
C VAL A 94 -0.32 -12.55 -0.97
N TYR A 95 -1.11 -12.04 -0.03
CA TYR A 95 -0.90 -10.70 0.52
C TYR A 95 -0.58 -10.77 2.00
N VAL A 96 0.29 -9.88 2.44
CA VAL A 96 0.70 -9.81 3.83
C VAL A 96 0.41 -8.41 4.35
N SER A 97 -0.52 -8.33 5.31
CA SER A 97 -0.99 -7.11 5.92
C SER A 97 -0.29 -6.68 7.21
N GLY A 98 0.01 -5.40 7.33
CA GLY A 98 0.64 -4.88 8.55
C GLY A 98 -0.36 -4.80 9.70
N TRP A 99 -1.66 -4.77 9.38
CA TRP A 99 -2.67 -4.73 10.42
C TRP A 99 -2.66 -6.11 11.07
N GLN A 100 -2.72 -7.14 10.25
CA GLN A 100 -2.70 -8.46 10.80
C GLN A 100 -1.40 -8.67 11.58
N SER A 101 -0.26 -8.53 10.93
CA SER A 101 1.01 -8.68 11.64
C SER A 101 1.13 -7.78 12.86
N SER A 102 0.34 -6.74 12.93
CA SER A 102 0.48 -5.92 14.08
C SER A 102 -0.17 -6.71 15.18
N SER A 103 -1.20 -7.44 14.81
CA SER A 103 -1.95 -8.23 15.79
C SER A 103 -1.56 -9.72 16.01
N THR A 104 -0.58 -10.21 15.26
CA THR A 104 -0.22 -11.60 15.42
C THR A 104 1.20 -11.92 15.12
N ALA A 105 1.99 -10.93 14.72
CA ALA A 105 3.35 -11.24 14.31
C ALA A 105 4.51 -10.32 14.62
N SER A 106 4.50 -9.61 15.74
CA SER A 106 5.60 -8.68 16.10
C SER A 106 6.93 -9.31 16.55
N SER A 107 8.00 -9.06 15.78
CA SER A 107 9.29 -9.60 16.13
C SER A 107 9.61 -9.46 17.58
N THR A 108 8.92 -8.58 18.29
CA THR A 108 9.21 -8.48 19.73
C THR A 108 8.11 -9.17 20.50
N ASP A 109 7.12 -9.64 19.77
CA ASP A 109 6.04 -10.39 20.37
C ASP A 109 5.09 -9.58 21.24
N GLU A 110 5.17 -8.26 21.15
CA GLU A 110 4.29 -7.40 21.93
C GLU A 110 3.32 -6.82 20.93
N PRO A 111 2.06 -7.19 21.04
CA PRO A 111 1.02 -6.75 20.12
C PRO A 111 0.50 -5.31 20.25
N SER A 112 -0.22 -4.85 19.22
CA SER A 112 -0.71 -3.49 19.20
C SER A 112 -1.74 -3.22 18.11
N PRO A 113 -2.46 -2.11 18.24
CA PRO A 113 -3.43 -1.77 17.22
C PRO A 113 -2.59 -1.32 16.02
N ASP A 114 -3.22 -1.24 14.86
CA ASP A 114 -2.53 -0.84 13.66
C ASP A 114 -1.73 0.45 13.70
N LEU A 115 -0.46 0.30 14.06
CA LEU A 115 0.50 1.39 14.11
C LEU A 115 1.80 0.67 13.72
N ALA A 116 2.70 1.35 13.03
CA ALA A 116 3.94 0.68 12.71
C ALA A 116 4.94 1.02 13.79
N ASP A 117 4.57 0.70 15.03
CA ASP A 117 5.46 0.92 16.17
C ASP A 117 6.19 -0.38 16.45
N TYR A 118 6.01 -1.35 15.57
CA TYR A 118 6.71 -2.59 15.73
C TYR A 118 7.98 -2.50 14.92
N PRO A 119 8.95 -3.35 15.18
CA PRO A 119 10.18 -3.23 14.42
C PRO A 119 10.08 -3.56 12.92
N MET A 120 10.86 -2.81 12.16
CA MET A 120 10.95 -2.89 10.72
C MET A 120 10.79 -4.25 10.06
N ASN A 121 11.54 -5.22 10.57
CA ASN A 121 11.59 -6.58 10.05
C ASN A 121 10.34 -7.37 10.30
N THR A 122 9.50 -6.91 11.22
CA THR A 122 8.27 -7.61 11.45
C THR A 122 7.63 -8.17 10.20
N VAL A 123 7.32 -7.36 9.20
CA VAL A 123 6.66 -7.90 8.00
C VAL A 123 7.58 -8.66 7.06
N PRO A 124 8.78 -8.16 6.86
CA PRO A 124 9.70 -8.86 5.99
C PRO A 124 9.73 -10.32 6.45
N ASN A 125 9.77 -10.43 7.77
CA ASN A 125 9.83 -11.69 8.45
C ASN A 125 8.60 -12.48 8.24
N LYS A 126 7.47 -11.81 8.12
CA LYS A 126 6.27 -12.55 7.84
C LYS A 126 6.43 -13.14 6.46
N VAL A 127 7.08 -12.39 5.59
CA VAL A 127 7.26 -12.89 4.24
C VAL A 127 8.15 -14.08 4.25
N ASN A 128 9.23 -14.04 5.02
CA ASN A 128 10.07 -15.20 5.01
C ASN A 128 9.21 -16.34 5.52
N HIS A 129 8.51 -16.10 6.61
CA HIS A 129 7.65 -17.11 7.19
C HIS A 129 6.91 -17.92 6.13
N LEU A 130 6.19 -17.27 5.24
CA LEU A 130 5.43 -17.99 4.22
C LEU A 130 6.27 -18.49 3.00
N TRP A 131 7.26 -17.70 2.60
CA TRP A 131 8.12 -17.99 1.48
C TRP A 131 8.82 -19.33 1.64
N MET A 132 9.40 -19.53 2.82
CA MET A 132 10.13 -20.74 3.17
C MET A 132 9.24 -21.97 3.04
N ALA A 133 8.05 -21.90 3.63
CA ALA A 133 7.06 -22.96 3.54
C ALA A 133 6.56 -23.11 2.09
N GLN A 134 6.58 -22.06 1.31
CA GLN A 134 6.12 -22.25 -0.05
C GLN A 134 7.16 -23.19 -0.65
N LEU A 135 8.41 -22.77 -0.67
CA LEU A 135 9.45 -23.64 -1.21
C LEU A 135 9.42 -25.07 -0.65
N PHE A 136 9.12 -25.18 0.63
CA PHE A 136 9.05 -26.46 1.26
C PHE A 136 7.90 -27.31 0.75
N HIS A 137 6.70 -26.76 0.60
CA HIS A 137 5.63 -27.60 0.10
C HIS A 137 5.70 -27.88 -1.40
N ASP A 138 6.68 -27.27 -2.03
CA ASP A 138 6.95 -27.41 -3.46
C ASP A 138 7.92 -28.58 -3.66
N ARG A 139 8.75 -28.83 -2.64
CA ARG A 139 9.75 -29.91 -2.65
C ARG A 139 9.04 -31.19 -2.32
N LYS A 140 8.20 -31.12 -1.30
CA LYS A 140 7.42 -32.26 -0.85
C LYS A 140 6.67 -32.81 -2.05
N GLN A 141 5.87 -31.94 -2.66
CA GLN A 141 5.09 -32.30 -3.84
C GLN A 141 5.95 -32.76 -5.04
N ARG A 142 6.98 -32.00 -5.42
CA ARG A 142 7.82 -32.38 -6.57
C ARG A 142 8.54 -33.70 -6.33
N GLU A 143 8.75 -34.04 -5.08
CA GLU A 143 9.39 -35.29 -4.75
C GLU A 143 8.37 -36.35 -5.11
N GLU A 144 7.26 -36.25 -4.42
CA GLU A 144 6.17 -37.17 -4.59
C GLU A 144 5.88 -37.43 -6.06
N ARG A 145 5.70 -36.38 -6.84
CA ARG A 145 5.44 -36.60 -8.24
C ARG A 145 6.57 -37.36 -8.90
N MET A 146 7.79 -36.86 -8.75
CA MET A 146 8.97 -37.48 -9.38
C MET A 146 9.17 -38.94 -9.03
N THR A 147 8.73 -39.35 -7.84
CA THR A 147 8.85 -40.76 -7.46
C THR A 147 7.50 -41.35 -7.68
N THR A 148 7.10 -41.34 -8.96
CA THR A 148 5.80 -41.82 -9.37
C THR A 148 5.90 -42.05 -10.86
N PRO A 149 5.37 -43.19 -11.30
CA PRO A 149 5.41 -43.58 -12.71
C PRO A 149 4.77 -42.57 -13.65
N LYS A 150 5.58 -42.01 -14.56
CA LYS A 150 5.09 -41.02 -15.50
C LYS A 150 3.67 -41.37 -15.97
N ASP A 151 3.45 -42.66 -16.16
CA ASP A 151 2.15 -43.14 -16.63
C ASP A 151 1.02 -42.91 -15.62
N GLN A 152 1.42 -42.54 -14.40
CA GLN A 152 0.48 -42.34 -13.31
C GLN A 152 0.54 -40.96 -12.59
N ARG A 153 1.45 -40.08 -13.00
CA ARG A 153 1.55 -38.75 -12.36
C ARG A 153 0.28 -37.98 -12.67
N HIS A 154 -0.15 -38.09 -13.92
CA HIS A 154 -1.35 -37.44 -14.41
C HIS A 154 -2.39 -37.44 -13.27
N LYS A 155 -2.25 -38.33 -12.31
CA LYS A 155 -3.22 -38.36 -11.24
C LYS A 155 -2.75 -37.56 -10.03
N VAL A 156 -1.45 -37.50 -9.82
CA VAL A 156 -0.92 -36.77 -8.68
C VAL A 156 -1.24 -35.27 -8.75
N ALA A 157 -1.24 -34.63 -7.59
CA ALA A 157 -1.51 -33.21 -7.46
C ALA A 157 -0.44 -32.38 -8.08
N ASN A 158 -0.82 -31.18 -8.49
CA ASN A 158 0.12 -30.23 -9.06
C ASN A 158 -0.09 -28.80 -8.54
N VAL A 159 -0.50 -28.66 -7.27
CA VAL A 159 -0.69 -27.34 -6.68
C VAL A 159 0.50 -26.45 -6.84
N ASP A 160 0.26 -25.24 -7.32
CA ASP A 160 1.36 -24.29 -7.48
C ASP A 160 1.51 -23.58 -6.15
N TYR A 161 2.49 -23.97 -5.35
CA TYR A 161 2.70 -23.33 -4.05
C TYR A 161 3.44 -22.04 -4.24
N LEU A 162 4.18 -21.88 -5.30
CA LEU A 162 4.86 -20.63 -5.44
C LEU A 162 4.05 -19.48 -6.01
N ARG A 163 3.13 -18.93 -5.20
CA ARG A 163 2.28 -17.78 -5.58
C ARG A 163 2.91 -16.49 -5.06
N PRO A 164 3.30 -15.58 -5.96
CA PRO A 164 3.99 -14.35 -5.57
C PRO A 164 3.40 -13.60 -4.41
N ILE A 165 4.25 -13.12 -3.50
CA ILE A 165 3.76 -12.40 -2.33
C ILE A 165 3.88 -10.89 -2.42
N ILE A 166 2.88 -10.22 -1.83
CA ILE A 166 2.85 -8.77 -1.75
C ILE A 166 2.74 -8.34 -0.28
N ALA A 167 3.64 -7.44 0.13
CA ALA A 167 3.68 -6.99 1.52
C ALA A 167 3.51 -5.49 1.85
N ASP A 168 2.87 -5.22 2.98
CA ASP A 168 2.63 -3.86 3.49
C ASP A 168 3.99 -3.32 3.93
N ALA A 169 4.47 -2.27 3.28
CA ALA A 169 5.75 -1.66 3.63
C ALA A 169 5.55 -0.48 4.54
N ASP A 170 4.29 -0.22 4.88
CA ASP A 170 3.91 0.87 5.74
C ASP A 170 4.28 2.18 5.10
N THR A 171 4.98 3.00 5.86
CA THR A 171 5.41 4.33 5.45
C THR A 171 6.84 4.27 4.91
N GLY A 172 7.56 3.23 5.33
CA GLY A 172 8.96 3.07 4.94
C GLY A 172 9.70 2.99 6.24
N HIS A 173 8.93 2.93 7.31
CA HIS A 173 9.45 2.80 8.63
C HIS A 173 10.59 3.71 8.93
N GLY A 174 10.47 4.98 8.57
CA GLY A 174 11.53 5.94 8.83
C GLY A 174 11.85 6.82 7.64
N GLY A 175 13.12 7.23 7.57
CA GLY A 175 13.64 8.12 6.56
C GLY A 175 14.10 7.48 5.28
N LEU A 176 14.79 8.22 4.44
CA LEU A 176 15.22 7.66 3.18
C LEU A 176 16.08 6.44 3.24
N THR A 177 16.92 6.37 4.24
CA THR A 177 17.80 5.23 4.39
C THR A 177 16.99 4.09 4.96
N ALA A 178 16.15 4.36 5.96
CA ALA A 178 15.34 3.30 6.53
C ALA A 178 14.57 2.59 5.41
N VAL A 179 13.96 3.38 4.53
CA VAL A 179 13.21 2.84 3.38
C VAL A 179 14.02 1.84 2.56
N MET A 180 15.28 2.14 2.35
CA MET A 180 16.12 1.29 1.56
C MET A 180 16.49 0.03 2.31
N LYS A 181 16.69 0.16 3.61
CA LYS A 181 16.98 -1.03 4.35
C LYS A 181 15.71 -1.87 4.28
N LEU A 182 14.59 -1.32 4.68
CA LEU A 182 13.36 -2.09 4.62
C LEU A 182 13.20 -2.78 3.28
N THR A 183 13.66 -2.15 2.22
CA THR A 183 13.47 -2.75 0.91
C THR A 183 14.31 -4.01 0.78
N LYS A 184 15.58 -3.88 1.14
CA LYS A 184 16.51 -4.98 1.06
C LYS A 184 15.98 -6.15 1.86
N LEU A 185 15.57 -5.90 3.10
CA LEU A 185 15.01 -6.96 3.92
C LEU A 185 13.93 -7.68 3.12
N PHE A 186 12.98 -6.90 2.60
CA PHE A 186 11.88 -7.42 1.82
C PHE A 186 12.30 -8.20 0.59
N VAL A 187 13.38 -7.78 -0.04
CA VAL A 187 13.83 -8.45 -1.25
C VAL A 187 14.66 -9.67 -0.87
N GLU A 188 14.97 -9.75 0.43
CA GLU A 188 15.75 -10.87 0.93
C GLU A 188 14.86 -12.04 1.29
N ARG A 189 13.65 -11.76 1.76
CA ARG A 189 12.75 -12.81 2.13
C ARG A 189 11.68 -13.22 1.13
N GLY A 190 11.94 -13.15 -0.15
CA GLY A 190 10.97 -13.59 -1.13
C GLY A 190 9.74 -12.74 -1.43
N ALA A 191 9.84 -11.41 -1.32
CA ALA A 191 8.73 -10.53 -1.65
C ALA A 191 8.76 -10.22 -3.14
N ALA A 192 7.58 -10.37 -3.75
CA ALA A 192 7.37 -10.10 -5.18
C ALA A 192 7.08 -8.61 -5.33
N GLY A 193 6.43 -8.01 -4.35
CA GLY A 193 6.14 -6.60 -4.42
C GLY A 193 5.80 -6.08 -3.05
N ILE A 194 6.06 -4.80 -2.85
CA ILE A 194 5.76 -4.16 -1.59
C ILE A 194 5.02 -2.87 -1.81
N HIS A 195 4.28 -2.40 -0.81
CA HIS A 195 3.62 -1.13 -0.96
C HIS A 195 3.90 -0.10 0.13
N ILE A 196 4.02 1.16 -0.27
CA ILE A 196 4.26 2.28 0.65
C ILE A 196 3.18 3.39 0.56
N GLU A 197 2.84 4.00 1.71
CA GLU A 197 1.78 5.04 1.80
C GLU A 197 2.35 6.42 1.86
N ASP A 198 1.45 7.41 1.80
CA ASP A 198 1.84 8.84 1.89
C ASP A 198 1.55 9.49 3.23
N GLN A 199 1.49 8.67 4.27
CA GLN A 199 1.27 9.15 5.62
C GLN A 199 2.58 9.50 6.31
N ALA A 200 2.49 10.24 7.38
CA ALA A 200 3.72 10.54 8.08
C ALA A 200 3.91 9.53 9.19
N PRO A 201 5.14 9.04 9.28
CA PRO A 201 5.54 8.03 10.25
C PRO A 201 5.36 8.34 11.75
N GLY A 202 4.35 7.71 12.36
CA GLY A 202 4.09 7.82 13.81
C GLY A 202 3.18 8.94 14.23
N THR A 203 2.06 9.11 13.52
CA THR A 203 1.10 10.19 13.70
C THR A 203 -0.34 9.77 14.06
N LYS A 204 -0.70 8.51 13.79
CA LYS A 204 -2.05 7.97 14.05
C LYS A 204 -2.70 8.40 15.37
N GLY A 211 -8.84 10.72 10.89
CA GLY A 211 -7.98 11.90 10.78
C GLY A 211 -6.52 11.52 10.49
N LYS A 212 -6.16 11.41 9.22
CA LYS A 212 -4.81 11.03 8.85
C LYS A 212 -3.87 12.22 8.63
N VAL A 213 -2.60 12.10 9.00
CA VAL A 213 -1.65 13.17 8.78
C VAL A 213 -0.79 12.84 7.57
N LEU A 214 -1.01 13.53 6.47
CA LEU A 214 -0.23 13.24 5.28
C LEU A 214 1.14 13.90 5.23
N VAL A 215 1.85 13.66 4.14
CA VAL A 215 3.20 14.10 3.96
C VAL A 215 3.26 14.77 2.59
N PRO A 216 4.23 15.68 2.37
CA PRO A 216 4.31 16.38 1.08
C PRO A 216 4.37 15.44 -0.07
N ILE A 217 3.96 15.88 -1.23
CA ILE A 217 4.02 15.01 -2.36
C ILE A 217 5.47 14.59 -2.63
N SER A 218 6.38 15.56 -2.65
CA SER A 218 7.78 15.27 -2.90
C SER A 218 8.38 14.17 -2.01
N GLU A 219 8.18 14.26 -0.71
CA GLU A 219 8.76 13.30 0.20
C GLU A 219 8.52 11.88 -0.22
N HIS A 220 7.26 11.58 -0.46
CA HIS A 220 6.81 10.27 -0.88
C HIS A 220 7.29 9.97 -2.27
N ILE A 221 7.46 10.96 -3.10
CA ILE A 221 7.91 10.58 -4.43
C ILE A 221 9.31 10.12 -4.18
N ASN A 222 9.85 10.55 -3.06
CA ASN A 222 11.19 10.18 -2.71
C ASN A 222 11.33 8.75 -2.22
N ARG A 223 10.27 8.22 -1.63
CA ARG A 223 10.30 6.88 -1.12
C ARG A 223 10.28 6.01 -2.34
N LEU A 224 9.19 6.03 -3.07
CA LEU A 224 9.14 5.21 -4.26
C LEU A 224 10.47 5.17 -5.00
N VAL A 225 11.16 6.27 -5.05
CA VAL A 225 12.42 6.30 -5.74
C VAL A 225 13.50 5.51 -5.03
N ALA A 226 13.60 5.71 -3.72
CA ALA A 226 14.56 4.98 -2.90
C ALA A 226 14.24 3.47 -3.00
N ILE A 227 12.96 3.16 -3.11
CA ILE A 227 12.55 1.80 -3.24
C ILE A 227 13.10 1.28 -4.54
N ARG A 228 13.22 2.12 -5.55
CA ARG A 228 13.70 1.61 -6.82
C ARG A 228 15.21 1.60 -6.92
N ALA A 229 15.84 2.55 -6.27
CA ALA A 229 17.28 2.60 -6.24
C ALA A 229 17.78 1.24 -5.69
N GLN A 230 17.24 0.78 -4.55
CA GLN A 230 17.60 -0.51 -3.94
C GLN A 230 17.36 -1.65 -4.92
N ALA A 231 16.08 -1.89 -5.26
CA ALA A 231 15.72 -2.97 -6.18
C ALA A 231 16.80 -3.01 -7.23
N ASP A 232 17.12 -1.85 -7.78
CA ASP A 232 18.14 -1.74 -8.80
C ASP A 232 19.52 -2.20 -8.41
N ILE A 233 19.99 -1.80 -7.24
CA ILE A 233 21.30 -2.29 -6.82
C ILE A 233 21.24 -3.83 -6.70
N MET A 234 20.30 -4.31 -5.92
CA MET A 234 20.10 -5.72 -5.70
C MET A 234 19.69 -6.40 -6.98
N GLY A 235 19.54 -5.61 -8.02
CA GLY A 235 19.12 -6.15 -9.31
C GLY A 235 17.91 -7.10 -9.20
N THR A 236 16.71 -6.56 -8.95
CA THR A 236 15.48 -7.36 -8.88
C THR A 236 14.38 -6.54 -9.55
N ASP A 237 13.37 -7.19 -10.09
CA ASP A 237 12.28 -6.43 -10.72
C ASP A 237 11.12 -6.06 -9.77
N LEU A 238 11.36 -6.10 -8.45
CA LEU A 238 10.33 -5.80 -7.44
C LEU A 238 9.24 -4.89 -7.94
N LEU A 239 8.03 -5.08 -7.48
CA LEU A 239 6.98 -4.20 -7.92
C LEU A 239 6.77 -3.22 -6.80
N ALA A 240 6.76 -1.94 -7.16
CA ALA A 240 6.52 -0.87 -6.20
C ALA A 240 5.03 -0.62 -6.33
N ILE A 241 4.41 -0.24 -5.24
CA ILE A 241 3.00 -0.01 -5.26
C ILE A 241 2.80 1.18 -4.37
N ALA A 242 2.26 2.24 -4.95
CA ALA A 242 2.03 3.48 -4.21
C ALA A 242 0.59 3.62 -3.76
N ARG A 243 0.41 3.75 -2.45
CA ARG A 243 -0.89 3.92 -1.83
C ARG A 243 -0.97 5.38 -1.43
N THR A 244 -2.17 5.91 -1.32
CA THR A 244 -2.33 7.30 -0.94
C THR A 244 -3.51 7.50 0.00
N ASP A 245 -3.23 8.19 1.09
CA ASP A 245 -4.25 8.41 2.12
C ASP A 245 -5.07 9.68 2.14
N SER A 246 -5.23 10.27 0.95
CA SER A 246 -6.00 11.49 0.77
C SER A 246 -7.51 11.41 1.17
N GLU A 247 -8.28 10.54 0.53
CA GLU A 247 -9.71 10.44 0.86
C GLU A 247 -10.13 10.42 2.33
N ALA A 248 -9.20 10.58 3.26
CA ALA A 248 -9.58 10.60 4.67
C ALA A 248 -8.63 11.49 5.42
N ALA A 249 -7.54 11.84 4.75
CA ALA A 249 -6.52 12.68 5.33
C ALA A 249 -7.11 13.96 5.86
N THR A 250 -6.50 14.51 6.89
CA THR A 250 -7.01 15.75 7.47
C THR A 250 -5.88 16.70 7.78
N LEU A 251 -4.67 16.19 7.67
CA LEU A 251 -3.52 17.02 7.98
C LEU A 251 -2.39 16.76 7.03
N ILE A 252 -1.38 17.60 7.09
CA ILE A 252 -0.23 17.48 6.25
C ILE A 252 0.89 18.13 7.03
N THR A 253 2.10 17.67 6.83
CA THR A 253 3.20 18.17 7.59
C THR A 253 3.86 19.52 7.21
N SER A 254 3.85 19.89 5.93
CA SER A 254 4.46 21.13 5.47
C SER A 254 3.87 21.75 4.22
N THR A 255 3.71 23.07 4.30
CA THR A 255 3.17 23.89 3.22
C THR A 255 4.08 23.66 2.03
N ILE A 256 5.33 23.41 2.35
CA ILE A 256 6.35 23.13 1.36
C ILE A 256 6.03 22.61 -0.07
N ASP A 257 5.17 21.61 -0.25
CA ASP A 257 4.98 21.25 -1.65
C ASP A 257 4.04 22.12 -2.49
N HIS A 258 4.58 22.66 -3.57
CA HIS A 258 3.79 23.54 -4.44
C HIS A 258 2.45 22.92 -4.75
N ARG A 259 2.46 21.63 -5.06
CA ARG A 259 1.21 20.99 -5.45
C ARG A 259 0.22 20.69 -4.35
N ASP A 260 0.60 20.94 -3.11
CA ASP A 260 -0.34 20.66 -2.03
C ASP A 260 -1.09 21.88 -1.61
N HIS A 261 -0.79 23.00 -2.27
CA HIS A 261 -1.45 24.25 -1.93
C HIS A 261 -2.97 24.25 -2.16
N PRO A 262 -3.42 23.87 -3.34
CA PRO A 262 -4.84 23.85 -3.59
C PRO A 262 -5.63 23.07 -2.55
N PHE A 263 -4.91 22.34 -1.69
CA PHE A 263 -5.58 21.52 -0.70
C PHE A 263 -5.50 21.87 0.75
N ILE A 264 -4.63 22.83 1.10
CA ILE A 264 -4.53 23.30 2.48
C ILE A 264 -5.42 24.47 2.88
N ILE A 265 -6.05 24.24 4.02
CA ILE A 265 -7.00 25.08 4.66
C ILE A 265 -6.35 26.16 5.53
N GLY A 266 -6.63 27.41 5.18
CA GLY A 266 -6.13 28.56 5.91
C GLY A 266 -7.33 29.22 6.59
N SER A 267 -7.02 30.25 7.40
CA SER A 267 -8.01 31.05 8.14
C SER A 267 -8.31 32.42 7.47
N THR A 268 -9.52 32.91 7.70
CA THR A 268 -9.94 34.13 7.08
C THR A 268 -10.59 35.12 8.05
N ASN A 269 -10.23 35.01 9.33
CA ASN A 269 -10.72 35.90 10.38
C ASN A 269 -9.46 36.59 10.96
N PRO A 270 -9.10 37.73 10.39
CA PRO A 270 -7.91 38.44 10.79
C PRO A 270 -8.12 39.02 12.17
N ASP A 271 -9.32 38.84 12.70
CA ASP A 271 -9.59 39.34 14.03
C ASP A 271 -9.38 38.35 15.16
N ILE A 272 -9.06 37.08 14.87
CA ILE A 272 -8.81 36.07 15.95
C ILE A 272 -7.38 35.56 16.08
N GLN A 273 -7.01 35.26 17.31
CA GLN A 273 -5.69 34.74 17.64
C GLN A 273 -5.46 33.39 16.95
N PRO A 274 -4.19 33.07 16.75
CA PRO A 274 -3.82 31.78 16.22
C PRO A 274 -4.08 30.85 17.41
N LEU A 275 -4.40 29.59 17.15
CA LEU A 275 -4.72 28.63 18.20
C LEU A 275 -3.71 28.38 19.33
N ASN A 276 -2.50 28.05 18.93
CA ASN A 276 -1.45 27.69 19.88
C ASN A 276 -1.40 28.42 21.19
N ASP A 277 -1.17 29.72 21.09
CA ASP A 277 -1.08 30.60 22.26
C ASP A 277 -2.34 30.44 23.08
N LEU A 278 -3.48 30.51 22.41
CA LEU A 278 -4.75 30.32 23.12
C LEU A 278 -4.69 28.99 23.85
N MET A 279 -4.54 27.90 23.08
CA MET A 279 -4.46 26.56 23.69
C MET A 279 -3.35 26.60 24.76
N VAL A 280 -2.15 26.96 24.32
CA VAL A 280 -0.99 27.16 25.17
C VAL A 280 -1.38 27.81 26.52
N MET A 281 -1.89 29.03 26.45
CA MET A 281 -2.32 29.76 27.64
C MET A 281 -3.19 28.86 28.47
N ALA A 282 -4.37 28.51 27.94
CA ALA A 282 -5.29 27.59 28.63
C ALA A 282 -4.52 26.48 29.37
N GLU A 283 -3.41 26.02 28.78
CA GLU A 283 -2.56 25.01 29.39
C GLU A 283 -1.89 25.60 30.65
N GLN A 284 -1.36 26.80 30.50
CA GLN A 284 -0.74 27.52 31.62
C GLN A 284 -1.86 27.70 32.63
N ALA A 285 -2.81 28.55 32.23
CA ALA A 285 -3.96 28.89 33.07
C ALA A 285 -5.17 27.93 33.03
N GLY A 286 -5.08 26.82 33.79
CA GLY A 286 -6.13 25.81 33.87
C GLY A 286 -6.64 25.09 32.60
N LYS A 287 -7.96 25.18 32.38
CA LYS A 287 -8.69 24.56 31.28
C LYS A 287 -8.40 23.04 31.15
N ASN A 288 -8.94 22.23 32.07
CA ASN A 288 -8.74 20.75 32.10
C ASN A 288 -8.12 20.08 30.87
N GLY A 289 -8.96 19.35 30.16
CA GLY A 289 -8.58 18.66 28.95
C GLY A 289 -9.59 19.24 27.98
N ALA A 290 -10.86 19.02 28.33
CA ALA A 290 -12.02 19.50 27.58
C ALA A 290 -11.88 20.95 27.25
N GLU A 291 -12.18 21.83 28.23
CA GLU A 291 -12.05 23.26 27.94
C GLU A 291 -11.22 23.37 26.64
N LEU A 292 -10.00 22.84 26.75
CA LEU A 292 -9.05 22.86 25.63
C LEU A 292 -9.80 22.47 24.35
N GLN A 293 -10.29 21.24 24.34
CA GLN A 293 -11.03 20.81 23.21
C GLN A 293 -12.15 21.80 22.91
N ALA A 294 -12.85 22.23 23.94
CA ALA A 294 -13.93 23.21 23.76
C ALA A 294 -13.39 24.41 22.98
N ILE A 295 -12.45 25.08 23.62
CA ILE A 295 -11.80 26.24 23.06
C ILE A 295 -11.26 25.99 21.66
N GLU A 296 -10.95 24.75 21.34
CA GLU A 296 -10.44 24.44 20.02
C GLU A 296 -11.63 24.40 19.07
N ASP A 297 -12.70 23.73 19.49
CA ASP A 297 -13.91 23.62 18.66
C ASP A 297 -14.53 24.94 18.30
N GLU A 298 -14.49 25.86 19.24
CA GLU A 298 -15.08 27.13 18.95
C GLU A 298 -14.11 27.84 18.01
N TRP A 299 -12.87 27.98 18.48
CA TRP A 299 -11.85 28.65 17.70
C TRP A 299 -11.81 28.34 16.24
N LEU A 300 -12.32 27.16 15.90
CA LEU A 300 -12.30 26.67 14.52
C LEU A 300 -13.60 27.01 13.86
N ALA A 301 -14.67 27.05 14.64
CA ALA A 301 -15.96 27.35 14.05
C ALA A 301 -16.05 28.85 13.84
N LYS A 302 -15.13 29.58 14.43
CA LYS A 302 -15.16 31.02 14.21
C LYS A 302 -14.20 31.37 13.08
N ALA A 303 -12.96 30.90 13.16
CA ALA A 303 -11.96 31.25 12.16
C ALA A 303 -12.23 31.16 10.62
N GLY A 304 -13.41 30.63 10.29
CA GLY A 304 -13.84 30.53 8.88
C GLY A 304 -12.71 30.08 7.97
N LEU A 305 -12.60 28.76 7.80
CA LEU A 305 -11.51 28.16 7.00
C LEU A 305 -11.94 27.74 5.60
N LYS A 306 -11.08 27.86 4.60
CA LYS A 306 -11.50 27.48 3.24
C LYS A 306 -10.25 27.27 2.48
N LEU A 307 -10.30 27.13 1.16
CA LEU A 307 -9.07 26.85 0.44
C LEU A 307 -8.53 27.98 -0.44
N PHE A 308 -8.34 29.16 0.11
CA PHE A 308 -7.90 30.26 -0.75
C PHE A 308 -8.79 30.26 -2.00
N ASN A 309 -8.41 29.56 -3.06
CA ASN A 309 -9.24 29.55 -4.26
C ASN A 309 -10.71 29.77 -3.93
N ASP A 310 -11.18 29.24 -2.82
CA ASP A 310 -12.58 29.41 -2.43
C ASP A 310 -12.68 30.81 -1.88
N ALA A 311 -11.82 31.08 -0.92
CA ALA A 311 -11.78 32.39 -0.32
C ALA A 311 -11.87 33.41 -1.46
N VAL A 312 -10.80 33.46 -2.23
CA VAL A 312 -10.73 34.36 -3.35
C VAL A 312 -12.01 34.40 -4.15
N VAL A 313 -12.70 33.28 -4.27
CA VAL A 313 -13.95 33.25 -5.02
C VAL A 313 -15.06 33.91 -4.21
N ASP A 314 -15.14 33.49 -2.96
CA ASP A 314 -16.11 34.09 -2.08
C ASP A 314 -15.97 35.55 -2.39
N ALA A 315 -14.81 36.11 -2.04
CA ALA A 315 -14.50 37.52 -2.29
C ALA A 315 -15.23 38.06 -3.51
N ILE A 316 -14.91 37.55 -4.69
CA ILE A 316 -15.63 38.08 -5.84
C ILE A 316 -17.11 38.28 -5.62
N ASN A 317 -17.78 37.16 -5.31
CA ASN A 317 -19.24 37.08 -5.10
C ASN A 317 -19.89 38.06 -4.15
N ASN A 318 -19.07 38.70 -3.34
CA ASN A 318 -19.58 39.70 -2.42
C ASN A 318 -19.07 41.11 -2.81
N SER A 319 -18.62 41.24 -4.06
CA SER A 319 -18.14 42.51 -4.53
C SER A 319 -19.17 43.03 -5.54
N PRO A 320 -19.36 44.35 -5.50
CA PRO A 320 -20.30 45.08 -6.34
C PRO A 320 -19.57 45.08 -7.68
N LEU A 321 -18.56 44.23 -7.72
CA LEU A 321 -17.81 44.00 -8.91
C LEU A 321 -18.81 43.34 -9.86
N PRO A 322 -18.82 43.77 -11.10
CA PRO A 322 -19.74 43.20 -12.07
C PRO A 322 -18.98 42.21 -12.94
N ASN A 323 -19.71 41.25 -13.52
CA ASN A 323 -19.12 40.27 -14.44
C ASN A 323 -18.35 39.18 -13.74
N LYS A 324 -18.88 38.72 -12.61
CA LYS A 324 -18.21 37.69 -11.82
C LYS A 324 -17.59 36.54 -12.65
N LYS A 325 -18.43 35.66 -13.18
CA LYS A 325 -17.95 34.52 -13.98
C LYS A 325 -16.68 34.88 -14.77
N ALA A 326 -16.74 35.88 -15.63
CA ALA A 326 -15.55 36.24 -16.35
C ALA A 326 -14.40 36.24 -15.33
N ALA A 327 -14.58 36.95 -14.23
CA ALA A 327 -13.56 37.03 -13.20
C ALA A 327 -13.14 35.62 -12.69
N ILE A 328 -13.93 35.07 -11.78
CA ILE A 328 -13.63 33.75 -11.26
C ILE A 328 -12.82 32.94 -12.26
N GLU A 329 -13.37 32.78 -13.46
CA GLU A 329 -12.70 32.01 -14.51
C GLU A 329 -11.26 32.46 -14.64
N LYS A 330 -11.05 33.67 -15.17
CA LYS A 330 -9.70 34.18 -15.28
C LYS A 330 -8.97 33.60 -14.09
N TYR A 331 -9.11 34.21 -12.92
CA TYR A 331 -8.44 33.60 -11.77
C TYR A 331 -8.32 32.06 -11.91
N LEU A 332 -9.44 31.36 -11.81
CA LEU A 332 -9.41 29.90 -11.90
C LEU A 332 -8.49 29.42 -13.01
N THR A 333 -8.78 29.88 -14.22
CA THR A 333 -8.01 29.46 -15.36
C THR A 333 -6.53 29.80 -15.28
N GLN A 334 -6.23 31.09 -15.26
CA GLN A 334 -4.84 31.49 -15.21
C GLN A 334 -3.99 30.71 -14.20
N SER A 335 -4.47 30.61 -12.95
CA SER A 335 -3.76 29.98 -11.83
C SER A 335 -3.54 28.44 -11.79
N LYS A 336 -4.15 27.70 -12.71
CA LYS A 336 -3.98 26.24 -12.69
C LYS A 336 -2.50 25.91 -12.51
N GLY A 337 -2.18 25.21 -11.42
CA GLY A 337 -0.81 24.76 -11.13
C GLY A 337 0.15 25.72 -10.40
N LYS A 338 -0.24 26.97 -10.23
CA LYS A 338 0.67 27.91 -9.59
C LYS A 338 0.81 27.80 -8.08
N SER A 339 1.84 28.43 -7.53
CA SER A 339 2.04 28.44 -6.09
C SER A 339 0.99 29.31 -5.38
N ASN A 340 0.98 29.27 -4.05
CA ASN A 340 0.02 30.07 -3.29
C ASN A 340 0.48 31.49 -3.44
N LEU A 341 1.69 31.72 -2.94
CA LEU A 341 2.25 33.05 -3.04
C LEU A 341 1.81 33.59 -4.40
N GLU A 342 1.86 32.75 -5.42
CA GLU A 342 1.43 33.18 -6.74
C GLU A 342 -0.07 33.53 -6.76
N ALA A 343 -0.91 32.50 -6.82
CA ALA A 343 -2.34 32.71 -6.86
C ALA A 343 -2.61 33.99 -6.12
N ARG A 344 -2.07 34.10 -4.91
CA ARG A 344 -2.26 35.31 -4.11
C ARG A 344 -2.10 36.58 -4.94
N ALA A 345 -1.15 36.54 -5.88
CA ALA A 345 -0.89 37.70 -6.75
C ALA A 345 -2.02 37.93 -7.75
N ILE A 346 -2.28 36.89 -8.55
CA ILE A 346 -3.34 36.95 -9.54
C ILE A 346 -4.58 37.49 -8.86
N ALA A 347 -4.88 36.89 -7.71
CA ALA A 347 -6.02 37.28 -6.91
C ALA A 347 -6.26 38.78 -7.02
N LYS A 348 -5.49 39.52 -6.24
CA LYS A 348 -5.56 40.98 -6.21
C LYS A 348 -5.77 41.54 -7.62
N GLU A 349 -4.73 41.48 -8.43
CA GLU A 349 -4.84 41.98 -9.78
C GLU A 349 -6.29 41.76 -10.26
N ILE A 350 -6.80 40.55 -10.14
CA ILE A 350 -8.17 40.27 -10.54
C ILE A 350 -9.16 41.09 -9.73
N ALA A 351 -9.40 40.66 -8.50
CA ALA A 351 -10.37 41.24 -7.59
C ALA A 351 -10.15 42.71 -7.22
N GLY A 352 -8.96 43.05 -6.75
CA GLY A 352 -8.71 44.43 -6.38
C GLY A 352 -8.33 44.61 -4.93
N THR A 353 -8.64 43.63 -4.10
CA THR A 353 -8.23 43.79 -2.73
C THR A 353 -7.25 42.69 -2.40
N ASP A 354 -6.92 42.62 -1.12
CA ASP A 354 -6.04 41.59 -0.60
C ASP A 354 -6.94 40.66 0.21
N ILE A 355 -7.17 39.49 -0.36
CA ILE A 355 -7.98 38.54 0.34
C ILE A 355 -7.09 38.16 1.51
N TYR A 356 -7.72 37.93 2.64
CA TYR A 356 -7.01 37.53 3.83
C TYR A 356 -6.93 36.01 3.81
N PHE A 357 -5.79 35.41 4.16
CA PHE A 357 -5.72 33.94 4.19
C PHE A 357 -4.55 33.53 5.03
N ASP A 358 -4.82 32.86 6.15
CA ASP A 358 -3.74 32.43 7.04
C ASP A 358 -3.75 30.98 7.40
N TRP A 359 -2.91 30.21 6.71
CA TRP A 359 -2.79 28.78 6.92
C TRP A 359 -1.72 28.34 7.93
N GLU A 360 -1.68 28.99 9.09
CA GLU A 360 -0.76 28.64 10.17
C GLU A 360 -1.37 28.83 11.53
N ALA A 361 -2.44 29.62 11.58
CA ALA A 361 -3.19 29.92 12.79
C ALA A 361 -4.08 28.71 13.12
N PRO A 362 -4.23 27.83 12.13
CA PRO A 362 -5.02 26.64 12.30
C PRO A 362 -4.18 25.40 12.67
N ARG A 363 -2.88 25.47 12.39
CA ARG A 363 -1.92 24.40 12.71
C ARG A 363 -2.21 23.80 14.08
N THR A 364 -1.90 22.51 14.24
CA THR A 364 -2.13 21.79 15.50
C THR A 364 -1.04 21.99 16.53
N ARG A 365 -1.29 21.41 17.70
CA ARG A 365 -0.41 21.44 18.85
C ARG A 365 0.96 21.05 18.41
N GLU A 366 1.02 20.05 17.52
CA GLU A 366 2.28 19.56 16.95
C GLU A 366 2.74 20.31 15.70
N GLY A 367 2.04 21.38 15.35
CA GLY A 367 2.40 22.20 14.20
C GLY A 367 1.98 21.68 12.85
N TYR A 368 0.87 20.96 12.78
CA TYR A 368 0.44 20.41 11.50
C TYR A 368 -0.58 21.28 10.82
N TYR A 369 -0.65 21.11 9.51
CA TYR A 369 -1.51 21.89 8.67
C TYR A 369 -2.84 21.26 8.37
N ARG A 370 -3.89 22.09 8.24
CA ARG A 370 -5.24 21.64 7.88
C ARG A 370 -5.14 21.30 6.43
N TYR A 371 -5.67 20.14 6.07
CA TYR A 371 -5.58 19.68 4.69
C TYR A 371 -6.92 19.12 4.30
N GLN A 372 -7.23 19.22 3.02
CA GLN A 372 -8.51 18.75 2.52
C GLN A 372 -8.41 17.45 1.75
N GLY A 373 -8.67 16.35 2.45
CA GLY A 373 -8.62 15.02 1.84
C GLY A 373 -9.66 14.89 0.71
N GLY A 374 -9.73 13.70 0.10
CA GLY A 374 -10.71 13.46 -0.95
C GLY A 374 -10.24 13.10 -2.34
N THR A 375 -11.14 12.41 -3.04
CA THR A 375 -10.91 11.92 -4.38
C THR A 375 -10.08 12.88 -5.18
N GLN A 376 -10.44 14.17 -5.14
CA GLN A 376 -9.67 15.14 -5.89
C GLN A 376 -8.24 15.06 -5.36
N CYS A 377 -8.12 15.10 -4.04
CA CYS A 377 -6.81 15.02 -3.42
C CYS A 377 -6.11 13.77 -3.93
N ALA A 378 -6.82 12.64 -3.87
CA ALA A 378 -6.31 11.35 -4.29
C ALA A 378 -5.70 11.35 -5.65
N ILE A 379 -6.52 11.61 -6.65
CA ILE A 379 -6.06 11.66 -8.04
C ILE A 379 -4.95 12.68 -8.21
N ASN A 380 -5.02 13.75 -7.44
CA ASN A 380 -4.01 14.78 -7.54
C ASN A 380 -2.62 14.20 -7.31
N ARG A 381 -2.42 13.51 -6.17
CA ARG A 381 -1.14 12.86 -5.81
C ARG A 381 -0.91 11.69 -6.76
N ALA A 382 -1.86 10.77 -6.75
CA ALA A 382 -1.81 9.62 -7.63
C ALA A 382 -1.12 9.97 -8.92
N VAL A 383 -1.65 10.94 -9.61
CA VAL A 383 -1.10 11.35 -10.90
C VAL A 383 0.36 11.74 -10.82
N ALA A 384 0.77 12.21 -9.66
CA ALA A 384 2.15 12.60 -9.55
C ALA A 384 2.98 11.38 -9.29
N TYR A 385 2.47 10.52 -8.43
CA TYR A 385 3.14 9.31 -8.05
C TYR A 385 3.36 8.41 -9.26
N ALA A 386 2.35 8.42 -10.14
CA ALA A 386 2.27 7.59 -11.34
C ALA A 386 3.48 7.22 -12.17
N PRO A 387 4.52 8.03 -12.10
CA PRO A 387 5.69 7.78 -12.91
C PRO A 387 6.73 6.90 -12.23
N PHE A 388 6.73 6.92 -10.91
CA PHE A 388 7.68 6.12 -10.22
C PHE A 388 7.04 4.97 -9.50
N ALA A 389 5.87 4.54 -9.98
CA ALA A 389 5.19 3.43 -9.33
C ALA A 389 4.58 2.43 -10.28
N ASP A 390 4.47 1.18 -9.84
CA ASP A 390 3.89 0.13 -10.66
C ASP A 390 2.35 0.17 -10.66
N LEU A 391 1.77 0.13 -9.48
CA LEU A 391 0.33 0.25 -9.36
C LEU A 391 0.08 1.39 -8.40
N ILE A 392 -1.15 1.89 -8.37
CA ILE A 392 -1.55 2.97 -7.49
C ILE A 392 -2.72 2.47 -6.69
N TRP A 393 -2.79 2.88 -5.43
CA TRP A 393 -3.89 2.42 -4.61
C TRP A 393 -4.43 3.53 -3.77
N MET A 394 -5.65 3.93 -4.07
CA MET A 394 -6.30 4.98 -3.29
C MET A 394 -7.16 4.31 -2.24
N GLU A 395 -6.50 3.96 -1.15
CA GLU A 395 -7.16 3.28 -0.06
C GLU A 395 -8.53 3.86 0.20
N SER A 396 -9.54 3.00 0.12
CA SER A 396 -10.91 3.46 0.28
C SER A 396 -11.68 2.92 1.44
N LYS A 397 -12.20 3.86 2.21
CA LYS A 397 -13.06 3.60 3.37
C LYS A 397 -14.22 2.62 3.08
N LEU A 398 -14.96 2.86 1.98
CA LEU A 398 -16.17 2.11 1.62
C LEU A 398 -16.23 1.64 0.16
N PRO A 399 -16.85 0.48 -0.08
CA PRO A 399 -16.91 -0.02 -1.45
C PRO A 399 -17.88 0.86 -2.18
N ASP A 400 -17.34 1.79 -2.95
CA ASP A 400 -18.19 2.67 -3.75
C ASP A 400 -17.75 2.76 -5.21
N TYR A 401 -18.54 2.15 -6.08
CA TYR A 401 -18.23 2.06 -7.50
C TYR A 401 -18.06 3.35 -8.24
N LYS A 402 -18.79 4.36 -7.82
CA LYS A 402 -18.71 5.66 -8.45
C LYS A 402 -17.39 6.26 -8.01
N GLN A 403 -17.12 6.24 -6.72
CA GLN A 403 -15.84 6.78 -6.28
C GLN A 403 -14.75 6.06 -7.06
N ALA A 404 -14.91 4.75 -7.19
CA ALA A 404 -13.94 3.95 -7.90
C ALA A 404 -13.80 4.26 -9.37
N LYS A 405 -14.89 4.71 -10.00
CA LYS A 405 -14.82 4.99 -11.42
C LYS A 405 -14.18 6.34 -11.68
N GLU A 406 -14.53 7.28 -10.83
CA GLU A 406 -14.00 8.63 -10.88
C GLU A 406 -12.50 8.51 -10.75
N PHE A 407 -12.07 7.97 -9.60
CA PHE A 407 -10.66 7.80 -9.34
C PHE A 407 -9.96 7.11 -10.50
N ALA A 408 -10.47 5.97 -10.91
CA ALA A 408 -9.87 5.28 -12.03
C ALA A 408 -9.73 6.32 -13.12
N ASP A 409 -10.91 6.74 -13.55
CA ASP A 409 -11.06 7.71 -14.59
C ASP A 409 -10.19 8.94 -14.39
N GLY A 410 -10.19 9.47 -13.15
CA GLY A 410 -9.37 10.63 -12.82
C GLY A 410 -7.89 10.36 -13.17
N VAL A 411 -7.40 9.20 -12.77
CA VAL A 411 -6.02 8.87 -13.03
C VAL A 411 -5.75 8.59 -14.49
N HIS A 412 -6.70 7.91 -15.16
CA HIS A 412 -6.48 7.54 -16.56
C HIS A 412 -6.29 8.60 -17.65
N ALA A 413 -6.69 9.82 -17.32
CA ALA A 413 -6.53 10.96 -18.18
C ALA A 413 -5.04 11.19 -18.46
N VAL A 414 -4.24 11.37 -17.41
CA VAL A 414 -2.83 11.63 -17.65
C VAL A 414 -2.15 10.40 -18.15
N TRP A 415 -2.47 9.30 -17.48
CA TRP A 415 -1.87 8.01 -17.77
C TRP A 415 -2.96 7.00 -18.02
N PRO A 416 -3.16 6.73 -19.29
CA PRO A 416 -4.17 5.79 -19.73
C PRO A 416 -3.74 4.33 -19.52
N GLU A 417 -2.46 4.10 -19.29
CA GLU A 417 -2.05 2.74 -19.13
C GLU A 417 -1.70 2.32 -17.72
N GLN A 418 -2.24 3.06 -16.75
CA GLN A 418 -1.98 2.74 -15.35
C GLN A 418 -2.73 1.56 -14.74
N LYS A 419 -1.99 0.77 -13.95
CA LYS A 419 -2.51 -0.38 -13.24
C LYS A 419 -2.87 0.09 -11.86
N LEU A 420 -4.03 -0.31 -11.39
CA LEU A 420 -4.47 0.06 -10.06
C LEU A 420 -4.84 -1.13 -9.20
N ALA A 421 -4.75 -0.92 -7.89
CA ALA A 421 -5.04 -1.96 -6.95
C ALA A 421 -6.13 -1.36 -6.07
N TYR A 422 -7.00 -2.23 -5.54
CA TYR A 422 -8.11 -1.83 -4.70
C TYR A 422 -8.24 -2.75 -3.50
N ASN A 423 -8.51 -2.16 -2.34
CA ASN A 423 -8.67 -2.91 -1.11
C ASN A 423 -10.17 -3.10 -0.77
N LEU A 424 -10.64 -4.35 -0.79
CA LEU A 424 -12.04 -4.72 -0.51
C LEU A 424 -12.42 -4.62 0.95
N SER A 425 -13.45 -3.83 1.21
CA SER A 425 -13.87 -3.55 2.56
C SER A 425 -14.25 -4.71 3.41
N PRO A 426 -13.48 -4.90 4.47
CA PRO A 426 -13.74 -5.94 5.43
C PRO A 426 -14.81 -5.49 6.45
N SER A 427 -15.00 -4.18 6.57
CA SER A 427 -15.95 -3.62 7.52
C SER A 427 -17.34 -3.42 6.95
N PHE A 428 -17.40 -3.03 5.69
CA PHE A 428 -18.67 -2.80 5.02
C PHE A 428 -19.55 -4.03 5.20
N ASN A 429 -20.84 -3.82 5.43
CA ASN A 429 -21.74 -4.97 5.61
C ASN A 429 -22.29 -5.56 4.31
N TRP A 430 -21.36 -6.04 3.49
CA TRP A 430 -21.64 -6.64 2.18
C TRP A 430 -22.97 -7.40 2.09
N LYS A 431 -23.22 -8.36 2.97
CA LYS A 431 -24.48 -9.06 2.81
C LYS A 431 -25.77 -8.22 2.94
N LYS A 432 -25.78 -7.27 3.87
CA LYS A 432 -26.97 -6.43 4.04
C LYS A 432 -26.80 -5.05 3.45
N ALA A 433 -25.88 -4.87 2.51
CA ALA A 433 -25.75 -3.53 1.95
C ALA A 433 -25.70 -3.47 0.42
N MET A 434 -25.89 -4.62 -0.23
CA MET A 434 -25.92 -4.67 -1.70
C MET A 434 -26.35 -6.00 -2.29
N PRO A 435 -27.22 -5.93 -3.29
CA PRO A 435 -27.75 -7.11 -3.96
C PRO A 435 -26.71 -8.16 -4.38
N ARG A 436 -27.13 -9.41 -4.25
CA ARG A 436 -26.30 -10.56 -4.59
C ARG A 436 -25.52 -10.42 -5.89
N ASP A 437 -26.21 -9.90 -6.90
CA ASP A 437 -25.54 -9.74 -8.18
C ASP A 437 -24.44 -8.71 -8.00
N GLU A 438 -24.83 -7.61 -7.36
CA GLU A 438 -23.94 -6.51 -7.10
C GLU A 438 -22.78 -7.01 -6.25
N GLN A 439 -22.96 -8.14 -5.56
CA GLN A 439 -21.86 -8.66 -4.72
C GLN A 439 -20.91 -9.58 -5.46
N GLU A 440 -21.44 -10.51 -6.24
CA GLU A 440 -20.64 -11.45 -7.01
C GLU A 440 -19.75 -10.85 -8.10
N THR A 441 -20.11 -9.65 -8.54
CA THR A 441 -19.40 -9.02 -9.64
C THR A 441 -18.59 -7.80 -9.23
N TYR A 442 -18.82 -7.32 -8.02
CA TYR A 442 -18.12 -6.12 -7.59
C TYR A 442 -16.66 -6.04 -8.07
N ILE A 443 -15.94 -7.14 -7.91
CA ILE A 443 -14.54 -7.21 -8.32
C ILE A 443 -14.43 -7.24 -9.85
N LYS A 444 -15.23 -8.10 -10.48
CA LYS A 444 -15.18 -8.22 -11.93
C LYS A 444 -15.25 -6.81 -12.44
N ARG A 445 -16.30 -6.09 -12.04
CA ARG A 445 -16.52 -4.70 -12.44
C ARG A 445 -15.34 -3.74 -12.23
N LEU A 446 -14.90 -3.54 -10.99
CA LEU A 446 -13.77 -2.67 -10.81
C LEU A 446 -12.68 -3.12 -11.76
N GLY A 447 -12.54 -4.43 -11.90
CA GLY A 447 -11.52 -4.96 -12.79
C GLY A 447 -11.53 -4.36 -14.21
N ALA A 448 -12.72 -4.01 -14.70
CA ALA A 448 -12.87 -3.46 -16.04
C ALA A 448 -12.45 -2.00 -16.05
N LEU A 449 -12.27 -1.44 -14.85
CA LEU A 449 -11.80 -0.08 -14.75
C LEU A 449 -10.26 -0.09 -14.68
N GLY A 450 -9.69 -1.29 -14.62
CA GLY A 450 -8.25 -1.43 -14.55
C GLY A 450 -7.74 -1.60 -13.13
N TYR A 451 -8.48 -2.37 -12.35
CA TYR A 451 -8.09 -2.66 -10.98
C TYR A 451 -7.61 -4.09 -11.05
N ALA A 452 -6.37 -4.21 -11.51
CA ALA A 452 -5.66 -5.48 -11.72
C ALA A 452 -5.38 -6.37 -10.52
N TRP A 453 -5.22 -5.78 -9.34
CA TRP A 453 -5.00 -6.56 -8.16
C TRP A 453 -5.94 -6.09 -7.08
N GLN A 454 -6.59 -7.03 -6.41
CA GLN A 454 -7.54 -6.73 -5.35
C GLN A 454 -7.37 -7.71 -4.22
N PHE A 455 -7.79 -7.29 -3.04
CA PHE A 455 -7.61 -8.13 -1.87
C PHE A 455 -8.49 -7.77 -0.69
N ILE A 456 -8.75 -8.75 0.18
CA ILE A 456 -9.53 -8.52 1.37
C ILE A 456 -8.63 -8.47 2.59
N THR A 457 -7.80 -7.45 2.66
CA THR A 457 -6.93 -7.23 3.81
C THR A 457 -7.07 -8.14 5.06
N LEU A 458 -8.11 -7.96 5.86
CA LEU A 458 -8.26 -8.76 7.06
C LEU A 458 -9.08 -10.03 6.96
N ALA A 459 -8.96 -10.71 5.83
CA ALA A 459 -9.72 -11.93 5.62
C ALA A 459 -9.25 -13.11 6.48
N GLY A 460 -7.94 -13.26 6.63
CA GLY A 460 -7.41 -14.36 7.43
C GLY A 460 -7.79 -14.21 8.91
N LEU A 461 -7.51 -13.03 9.45
CA LEU A 461 -7.81 -12.84 10.84
C LEU A 461 -9.22 -13.31 11.07
N HIS A 462 -10.14 -12.89 10.22
CA HIS A 462 -11.51 -13.29 10.43
C HIS A 462 -11.79 -14.77 10.29
N THR A 463 -11.53 -15.34 9.12
CA THR A 463 -11.80 -16.76 8.89
C THR A 463 -11.30 -17.51 10.09
N THR A 464 -10.18 -17.08 10.63
CA THR A 464 -9.63 -17.74 11.77
C THR A 464 -10.54 -17.57 12.95
N ALA A 465 -10.52 -16.38 13.51
CA ALA A 465 -11.35 -16.01 14.65
C ALA A 465 -12.69 -16.71 14.64
N LEU A 466 -13.36 -16.64 13.49
CA LEU A 466 -14.66 -17.25 13.34
C LEU A 466 -14.63 -18.70 13.79
N ILE A 467 -13.85 -19.49 13.07
CA ILE A 467 -13.72 -20.90 13.34
C ILE A 467 -13.31 -21.28 14.76
N SER A 468 -12.40 -20.54 15.35
CA SER A 468 -11.97 -20.89 16.68
C SER A 468 -13.07 -20.69 17.72
N ASP A 469 -13.89 -19.65 17.56
CA ASP A 469 -14.99 -19.39 18.50
C ASP A 469 -16.00 -20.51 18.33
N THR A 470 -16.34 -20.81 17.09
CA THR A 470 -17.28 -21.87 16.86
C THR A 470 -16.82 -23.18 17.48
N PHE A 471 -15.63 -23.65 17.14
CA PHE A 471 -15.14 -24.87 17.74
C PHE A 471 -15.09 -24.87 19.26
N ALA A 472 -14.13 -24.16 19.78
CA ALA A 472 -13.93 -24.10 21.21
C ALA A 472 -15.26 -24.04 21.98
N LYS A 473 -16.27 -23.43 21.36
CA LYS A 473 -17.59 -23.27 22.00
C LYS A 473 -18.28 -24.63 22.14
N ALA A 474 -18.65 -25.21 21.01
CA ALA A 474 -19.26 -26.53 20.95
C ALA A 474 -18.40 -27.43 21.81
N TYR A 475 -17.16 -27.59 21.37
CA TYR A 475 -16.19 -28.37 22.09
C TYR A 475 -16.38 -28.32 23.58
N ALA A 476 -16.53 -27.12 24.10
CA ALA A 476 -16.67 -26.99 25.52
C ALA A 476 -18.02 -27.54 25.82
N LYS A 477 -18.84 -27.71 24.80
CA LYS A 477 -20.14 -28.24 25.10
C LYS A 477 -20.29 -29.73 24.88
N GLN A 478 -19.96 -30.22 23.69
CA GLN A 478 -20.08 -31.65 23.39
C GLN A 478 -18.79 -32.52 23.38
N GLY A 479 -17.65 -31.95 23.75
CA GLY A 479 -16.41 -32.72 23.78
C GLY A 479 -16.08 -33.25 22.39
N MET A 480 -15.56 -34.47 22.35
CA MET A 480 -15.19 -35.11 21.09
C MET A 480 -16.23 -35.13 19.96
N ARG A 481 -17.49 -34.95 20.31
CA ARG A 481 -18.54 -34.93 19.30
C ARG A 481 -18.30 -33.77 18.33
N ALA A 482 -18.04 -32.58 18.88
CA ALA A 482 -17.78 -31.38 18.09
C ALA A 482 -16.65 -31.49 17.06
N TYR A 483 -15.56 -32.11 17.49
CA TYR A 483 -14.42 -32.24 16.65
C TYR A 483 -14.93 -32.89 15.41
N GLY A 484 -15.48 -34.08 15.60
CA GLY A 484 -16.02 -34.89 14.50
C GLY A 484 -17.05 -34.14 13.69
N GLU A 485 -18.03 -33.58 14.36
CA GLU A 485 -19.05 -32.87 13.63
C GLU A 485 -18.49 -31.62 12.93
N LEU A 486 -18.04 -30.66 13.72
CA LEU A 486 -17.54 -29.42 13.16
C LEU A 486 -16.28 -29.61 12.37
N VAL A 487 -15.35 -30.32 12.96
CA VAL A 487 -14.07 -30.49 12.33
C VAL A 487 -13.91 -31.58 11.29
N GLN A 488 -13.97 -32.83 11.71
CA GLN A 488 -13.76 -33.97 10.80
C GLN A 488 -14.46 -34.17 9.44
N GLU A 489 -15.71 -34.62 9.50
CA GLU A 489 -16.49 -34.98 8.32
C GLU A 489 -16.30 -34.03 7.19
N PRO A 490 -16.32 -32.74 7.55
CA PRO A 490 -16.14 -31.66 6.58
C PRO A 490 -14.76 -31.86 5.98
N GLU A 491 -13.74 -31.84 6.84
CA GLU A 491 -12.37 -32.03 6.38
C GLU A 491 -12.32 -33.18 5.38
N MET A 492 -12.78 -34.35 5.80
CA MET A 492 -12.81 -35.48 4.90
C MET A 492 -13.76 -35.13 3.77
N ALA A 493 -15.03 -34.92 4.12
CA ALA A 493 -16.04 -34.55 3.14
C ALA A 493 -15.54 -33.59 2.04
N ASN A 494 -14.71 -32.61 2.41
CA ASN A 494 -14.20 -31.67 1.42
C ASN A 494 -12.87 -32.01 0.76
N GLY A 495 -12.15 -32.98 1.34
CA GLY A 495 -10.88 -33.42 0.75
C GLY A 495 -9.68 -32.55 1.12
N VAL A 496 -9.68 -32.04 2.34
CA VAL A 496 -8.56 -31.21 2.73
C VAL A 496 -7.21 -31.90 2.86
N ASP A 497 -6.24 -31.35 2.15
CA ASP A 497 -4.85 -31.79 2.17
C ASP A 497 -4.50 -32.34 3.56
N VAL A 498 -4.59 -31.41 4.51
CA VAL A 498 -4.27 -31.60 5.92
C VAL A 498 -4.91 -32.83 6.53
N VAL A 499 -6.08 -33.21 6.02
CA VAL A 499 -6.77 -34.38 6.49
C VAL A 499 -5.78 -35.52 6.73
N THR A 500 -4.90 -35.70 5.75
CA THR A 500 -3.88 -36.73 5.82
C THR A 500 -2.67 -36.27 6.59
N HIS A 501 -2.88 -35.94 7.83
CA HIS A 501 -1.85 -35.60 8.78
C HIS A 501 -0.42 -35.53 8.23
N GLN A 502 0.34 -36.55 8.64
CA GLN A 502 1.75 -36.72 8.31
C GLN A 502 2.18 -36.53 6.87
N LYS A 503 1.54 -37.21 5.94
CA LYS A 503 1.91 -37.09 4.53
C LYS A 503 2.15 -35.61 4.21
N TRP A 504 1.13 -34.82 4.53
CA TRP A 504 1.15 -33.38 4.31
C TRP A 504 2.30 -32.66 5.03
N SER A 505 2.70 -33.19 6.16
CA SER A 505 3.78 -32.60 6.95
C SER A 505 5.07 -32.66 6.19
N GLY A 506 5.24 -33.73 5.42
CA GLY A 506 6.43 -33.92 4.62
C GLY A 506 7.15 -35.21 5.01
N ALA A 507 6.36 -36.13 5.59
CA ALA A 507 6.85 -37.45 6.04
C ALA A 507 7.54 -38.34 4.98
N ASN A 508 6.88 -38.65 3.87
CA ASN A 508 7.55 -39.50 2.92
C ASN A 508 8.80 -38.81 2.48
N TYR A 509 8.71 -37.51 2.25
CA TYR A 509 9.91 -36.76 1.84
C TYR A 509 11.14 -37.01 2.71
N VAL A 510 10.96 -36.85 4.02
CA VAL A 510 12.04 -37.07 4.93
C VAL A 510 12.39 -38.52 4.84
N ASP A 511 11.36 -39.34 4.88
CA ASP A 511 11.53 -40.78 4.82
C ASP A 511 12.56 -41.19 3.74
N ASN A 512 12.14 -41.06 2.50
CA ASN A 512 13.00 -41.39 1.39
C ASN A 512 14.38 -40.75 1.51
N MET A 513 14.44 -39.60 2.18
CA MET A 513 15.69 -38.87 2.36
C MET A 513 16.72 -39.69 3.09
N LEU A 514 16.33 -40.23 4.24
CA LEU A 514 17.22 -41.04 5.06
C LEU A 514 17.51 -42.30 4.31
N LYS A 515 16.48 -42.87 3.70
CA LYS A 515 16.69 -44.07 2.95
C LYS A 515 17.79 -43.78 1.93
N MET A 516 17.83 -42.54 1.47
CA MET A 516 18.79 -42.09 0.49
C MET A 516 20.21 -42.15 1.04
N ILE A 517 20.37 -41.64 2.25
CA ILE A 517 21.68 -41.62 2.90
C ILE A 517 21.83 -43.01 3.51
N THR A 518 21.14 -43.20 4.63
CA THR A 518 21.11 -44.48 5.32
C THR A 518 21.27 -45.53 4.26
N GLY A 519 20.57 -45.34 3.16
CA GLY A 519 20.66 -46.27 2.05
C GLY A 519 22.04 -46.93 2.17
N GLY A 520 22.75 -47.04 1.03
CA GLY A 520 24.07 -47.66 1.04
C GLY A 520 24.02 -49.09 1.65
#